data_7Z66
#
_entry.id   7Z66
#
_cell.length_a   93.712
_cell.length_b   93.712
_cell.length_c   267.744
_cell.angle_alpha   90.000
_cell.angle_beta   90.000
_cell.angle_gamma   120.000
#
_symmetry.space_group_name_H-M   'P 61 2 2'
#
loop_
_entity.id
_entity.type
_entity.pdbx_description
1 polymer 'Inorganic pyrophosphatase TTM1'
2 non-polymer 'CITRIC ACID'
3 non-polymer 1,2-ETHANEDIOL
4 non-polymer 'PHOSPHATE ION'
5 water water
#
_entity_poly.entity_id   1
_entity_poly.type   'polypeptide(L)'
_entity_poly.pdbx_seq_one_letter_code
;GA(MSE)DQVQLIKRKDSGRYEIVPIEDPLSFEKGFYAVIRACQLLAQKNDGLILVGLAGPSGAGKTIFTEKILNF
(MSE)PSIAIIN(MSE)DNYNDGTRVIDGNFDDPRLTDYDTLLDNIHGLRDGKPVQVPIYDFKSSSRIGYRTLEVPSSRI
VILEGIYALSEKLRPLLDLRVSVTGGVHFDLVKRVLRDIQRAGQEPEEIIHQISETVYP(MSE)YKAFIEPDLKTAQIKI
LNKFNPFSGFQNPTYILKSSKAVTPEQ(MSE)KAALSEDFKERTEETYDIYLLPPGEDPEACQSYLR(MSE)RNRDGKYN
L(MSE)FEEWVTDRPFIISPRITFEVSVRLLGGL(MSE)ALGYTIATILKRKSHIFDDDKVIVKTDWLEQLNRTYVQVQG
KDRTFVKNVADQLGLEGSYVPHTYIEQIQLER
;
_entity_poly.pdbx_strand_id   AAAA
#
loop_
_chem_comp.id
_chem_comp.type
_chem_comp.name
_chem_comp.formula
CIT non-polymer 'CITRIC ACID' 'C6 H8 O7'
EDO non-polymer 1,2-ETHANEDIOL 'C2 H6 O2'
PO4 non-polymer 'PHOSPHATE ION' 'O4 P -3'
#
# COMPACT_ATOMS: atom_id res chain seq x y z
N ASP A 4 8.18 21.83 15.79
CA ASP A 4 6.86 21.45 15.31
C ASP A 4 6.02 22.71 15.03
N GLN A 5 6.64 23.87 15.17
CA GLN A 5 5.98 25.13 14.86
C GLN A 5 6.21 25.47 13.39
N VAL A 6 5.13 25.61 12.64
CA VAL A 6 5.21 25.94 11.23
C VAL A 6 5.39 27.45 11.08
N GLN A 7 6.46 27.85 10.40
CA GLN A 7 6.75 29.25 10.16
C GLN A 7 7.12 29.43 8.69
N LEU A 8 6.82 30.62 8.16
CA LEU A 8 6.98 30.90 6.74
C LEU A 8 8.16 31.83 6.51
N ILE A 9 8.82 31.63 5.36
CA ILE A 9 9.96 32.45 4.95
C ILE A 9 9.87 32.64 3.44
N LYS A 10 10.11 33.87 2.98
CA LYS A 10 10.07 34.16 1.56
C LYS A 10 11.23 33.48 0.84
N ARG A 11 10.91 32.76 -0.24
CA ARG A 11 11.93 32.10 -1.05
C ARG A 11 12.47 33.11 -2.06
N LYS A 12 13.80 33.30 -2.07
CA LYS A 12 14.39 34.38 -2.84
C LYS A 12 14.16 34.25 -4.34
N ASP A 13 13.91 33.04 -4.85
CA ASP A 13 13.72 32.86 -6.28
C ASP A 13 12.41 33.45 -6.77
N SER A 14 11.48 33.76 -5.88
CA SER A 14 10.18 34.29 -6.26
C SER A 14 9.68 35.19 -5.13
N GLY A 15 8.38 35.50 -5.15
CA GLY A 15 7.78 36.26 -4.06
C GLY A 15 7.00 35.37 -3.12
N ARG A 16 6.83 34.11 -3.50
CA ARG A 16 6.06 33.18 -2.69
C ARG A 16 6.81 32.80 -1.41
N TYR A 17 6.04 32.60 -0.35
CA TYR A 17 6.60 32.19 0.93
C TYR A 17 6.75 30.67 0.97
N GLU A 18 7.57 30.20 1.92
CA GLU A 18 7.88 28.78 2.03
C GLU A 18 8.02 28.40 3.50
N ILE A 19 7.78 27.11 3.77
CA ILE A 19 7.87 26.60 5.13
C ILE A 19 9.34 26.48 5.54
N VAL A 20 9.67 27.00 6.72
CA VAL A 20 11.02 26.81 7.26
C VAL A 20 11.25 25.32 7.51
N PRO A 21 12.37 24.75 7.07
CA PRO A 21 12.57 23.30 7.25
C PRO A 21 12.54 22.91 8.71
N ILE A 22 11.89 21.78 8.98
CA ILE A 22 11.84 21.18 10.31
C ILE A 22 12.80 20.00 10.29
N GLU A 23 14.01 20.22 10.78
CA GLU A 23 15.05 19.19 10.71
C GLU A 23 14.69 17.97 11.55
N ASP A 24 13.99 18.18 12.66
CA ASP A 24 13.62 17.06 13.52
C ASP A 24 12.53 16.21 12.86
N PRO A 25 12.72 14.89 12.76
CA PRO A 25 11.64 14.04 12.26
C PRO A 25 10.44 14.09 13.19
N LEU A 26 9.26 13.88 12.61
CA LEU A 26 8.01 14.09 13.32
C LEU A 26 7.15 12.82 13.28
N SER A 27 6.28 12.68 14.28
CA SER A 27 5.39 11.54 14.36
C SER A 27 4.32 11.61 13.27
N PHE A 28 3.66 10.47 13.03
CA PHE A 28 2.59 10.43 12.05
C PHE A 28 1.44 11.34 12.45
N GLU A 29 1.03 11.30 13.73
CA GLU A 29 -0.05 12.16 14.19
C GLU A 29 0.39 13.61 14.26
N LYS A 30 1.61 13.85 14.76
CA LYS A 30 2.11 15.21 14.84
C LYS A 30 2.42 15.77 13.45
N GLY A 31 2.99 14.95 12.58
CA GLY A 31 3.21 15.38 11.20
C GLY A 31 1.93 15.64 10.44
N PHE A 32 0.88 14.87 10.76
CA PHE A 32 -0.43 15.08 10.13
C PHE A 32 -0.96 16.49 10.40
N TYR A 33 -0.84 16.94 11.64
CA TYR A 33 -1.29 18.29 11.98
C TYR A 33 -0.31 19.36 11.49
N ALA A 34 0.98 19.04 11.46
CA ALA A 34 1.96 20.01 10.95
C ALA A 34 1.73 20.30 9.48
N VAL A 35 1.42 19.27 8.68
CA VAL A 35 1.16 19.48 7.26
C VAL A 35 -0.10 20.32 7.06
N ILE A 36 -1.16 20.03 7.82
CA ILE A 36 -2.42 20.74 7.65
C ILE A 36 -2.26 22.23 7.97
N ARG A 37 -1.60 22.53 9.10
CA ARG A 37 -1.41 23.92 9.49
C ARG A 37 -0.47 24.65 8.53
N ALA A 38 0.51 23.92 7.97
CA ALA A 38 1.40 24.53 6.99
C ALA A 38 0.64 24.96 5.74
N CYS A 39 -0.30 24.13 5.29
CA CYS A 39 -1.10 24.47 4.11
C CYS A 39 -1.97 25.70 4.38
N GLN A 40 -2.53 25.79 5.59
CA GLN A 40 -3.35 26.95 5.92
C GLN A 40 -2.54 28.25 5.87
N LEU A 41 -1.32 28.22 6.41
CA LEU A 41 -0.47 29.41 6.39
C LEU A 41 0.03 29.70 4.97
N LEU A 42 0.33 28.66 4.20
CA LEU A 42 0.79 28.86 2.82
C LEU A 42 -0.33 29.43 1.96
N ALA A 43 -1.57 29.01 2.21
CA ALA A 43 -2.70 29.52 1.43
C ALA A 43 -3.01 30.98 1.78
N GLN A 44 -2.76 31.38 3.02
CA GLN A 44 -3.03 32.76 3.44
C GLN A 44 -1.95 33.74 3.03
N LYS A 45 -0.79 33.26 2.60
CA LYS A 45 0.32 34.15 2.24
C LYS A 45 0.73 34.05 0.78
N ASN A 46 0.34 32.99 0.07
CA ASN A 46 0.63 32.84 -1.35
C ASN A 46 -0.66 32.63 -2.12
N ASP A 47 -0.70 33.15 -3.34
CA ASP A 47 -1.85 33.03 -4.22
C ASP A 47 -1.65 31.88 -5.19
N GLY A 48 -2.74 31.49 -5.85
CA GLY A 48 -2.68 30.42 -6.82
C GLY A 48 -2.74 29.04 -6.19
N LEU A 49 -2.19 28.08 -6.93
CA LEU A 49 -2.24 26.68 -6.51
C LEU A 49 -1.28 26.43 -5.36
N ILE A 50 -1.72 25.61 -4.41
CA ILE A 50 -0.86 25.14 -3.33
C ILE A 50 -0.54 23.67 -3.58
N LEU A 51 0.59 23.42 -4.22
CA LEU A 51 0.99 22.07 -4.61
C LEU A 51 1.99 21.53 -3.60
N VAL A 52 1.69 20.37 -3.04
CA VAL A 52 2.54 19.72 -2.05
C VAL A 52 2.93 18.34 -2.58
N GLY A 53 4.21 18.00 -2.46
CA GLY A 53 4.71 16.71 -2.85
C GLY A 53 4.89 15.82 -1.64
N LEU A 54 4.18 14.69 -1.63
CA LEU A 54 4.29 13.70 -0.57
C LEU A 54 5.06 12.50 -1.12
N ALA A 55 6.30 12.36 -0.67
CA ALA A 55 7.19 11.31 -1.16
C ALA A 55 7.49 10.32 -0.05
N GLY A 56 7.99 9.15 -0.45
CA GLY A 56 8.34 8.11 0.49
C GLY A 56 8.26 6.73 -0.14
N PRO A 57 8.88 5.75 0.51
CA PRO A 57 8.86 4.38 -0.02
C PRO A 57 7.48 3.75 0.11
N SER A 58 7.27 2.71 -0.68
CA SER A 58 6.04 1.93 -0.56
C SER A 58 5.98 1.27 0.83
N GLY A 59 4.83 1.40 1.48
CA GLY A 59 4.63 0.85 2.80
C GLY A 59 4.97 1.78 3.95
N ALA A 60 5.57 2.94 3.68
CA ALA A 60 5.86 3.88 4.75
C ALA A 60 4.59 4.48 5.34
N GLY A 61 3.53 4.59 4.54
CA GLY A 61 2.27 5.09 5.04
C GLY A 61 1.79 6.35 4.36
N LYS A 62 2.36 6.67 3.19
CA LYS A 62 1.94 7.88 2.48
C LYS A 62 0.54 7.75 1.92
N THR A 63 0.11 6.52 1.58
CA THR A 63 -1.25 6.33 1.09
C THR A 63 -2.27 6.55 2.20
N ILE A 64 -2.06 5.95 3.37
CA ILE A 64 -2.98 6.16 4.48
C ILE A 64 -2.89 7.58 4.99
N PHE A 65 -1.74 8.23 4.83
CA PHE A 65 -1.62 9.64 5.18
C PHE A 65 -2.53 10.51 4.32
N THR A 66 -2.55 10.25 3.00
CA THR A 66 -3.38 11.05 2.11
C THR A 66 -4.86 10.88 2.41
N GLU A 67 -5.30 9.65 2.63
CA GLU A 67 -6.73 9.41 2.85
C GLU A 67 -7.19 9.90 4.22
N LYS A 68 -6.27 10.12 5.16
CA LYS A 68 -6.66 10.79 6.41
C LYS A 68 -6.83 12.28 6.22
N ILE A 69 -5.98 12.89 5.37
CA ILE A 69 -6.15 14.31 5.06
C ILE A 69 -7.42 14.54 4.26
N LEU A 70 -7.73 13.63 3.34
CA LEU A 70 -8.95 13.77 2.54
C LEU A 70 -10.20 13.70 3.42
N ASN A 71 -10.22 12.78 4.38
CA ASN A 71 -11.37 12.67 5.27
C ASN A 71 -11.48 13.88 6.19
N PHE A 72 -10.34 14.47 6.57
CA PHE A 72 -10.37 15.70 7.36
C PHE A 72 -10.76 16.90 6.50
N MSE A 73 -10.31 16.93 5.25
CA MSE A 73 -10.64 18.01 4.34
C MSE A 73 -11.02 17.49 2.95
O MSE A 73 -10.15 17.32 2.10
CB MSE A 73 -9.48 18.99 4.21
CG MSE A 73 -9.30 19.91 5.41
SE MSE A 73 -7.86 21.19 5.13
CE MSE A 73 -8.58 22.13 3.58
N PRO A 74 -12.30 17.24 2.73
CA PRO A 74 -12.75 16.82 1.39
C PRO A 74 -12.51 17.88 0.32
N SER A 75 -12.28 19.14 0.71
CA SER A 75 -12.05 20.21 -0.25
C SER A 75 -10.72 20.09 -0.99
N ILE A 76 -9.85 19.18 -0.58
CA ILE A 76 -8.55 19.03 -1.21
C ILE A 76 -8.63 17.94 -2.26
N ALA A 77 -7.65 17.92 -3.16
CA ALA A 77 -7.55 16.94 -4.23
C ALA A 77 -6.25 16.16 -4.12
N ILE A 78 -6.31 14.85 -4.34
CA ILE A 78 -5.15 13.98 -4.30
C ILE A 78 -4.86 13.50 -5.71
N ILE A 79 -3.62 13.67 -6.15
CA ILE A 79 -3.16 13.14 -7.43
C ILE A 79 -2.13 12.05 -7.14
N ASN A 80 -2.42 10.84 -7.61
CA ASN A 80 -1.52 9.71 -7.42
C ASN A 80 -0.55 9.66 -8.60
N MSE A 81 0.73 9.87 -8.32
CA MSE A 81 1.75 10.00 -9.35
C MSE A 81 1.95 8.73 -10.17
O MSE A 81 2.45 8.79 -11.29
CB MSE A 81 3.07 10.44 -8.71
CG MSE A 81 4.12 10.89 -9.71
SE MSE A 81 5.61 11.77 -8.82
CE MSE A 81 6.87 11.82 -10.31
N ASP A 82 1.55 7.58 -9.62
CA ASP A 82 1.67 6.33 -10.35
C ASP A 82 0.71 6.26 -11.54
N ASN A 83 -0.29 7.14 -11.59
CA ASN A 83 -1.19 7.19 -12.73
C ASN A 83 -0.53 7.77 -13.98
N TYR A 84 0.65 8.37 -13.84
CA TYR A 84 1.40 8.91 -14.97
C TYR A 84 2.38 7.91 -15.56
N ASN A 85 2.30 6.64 -15.15
CA ASN A 85 3.24 5.63 -15.60
C ASN A 85 3.08 5.34 -17.09
N ASP A 86 4.20 5.02 -17.74
CA ASP A 86 4.23 4.59 -19.14
C ASP A 86 5.07 3.32 -19.20
N GLY A 87 4.41 2.18 -19.41
CA GLY A 87 5.10 0.90 -19.40
C GLY A 87 6.06 0.69 -20.55
N THR A 88 5.87 1.42 -21.65
CA THR A 88 6.75 1.27 -22.81
C THR A 88 8.15 1.80 -22.54
N ARG A 89 8.33 2.64 -21.52
CA ARG A 89 9.63 3.26 -21.29
C ARG A 89 10.64 2.28 -20.73
N VAL A 90 10.18 1.21 -20.05
CA VAL A 90 11.07 0.23 -19.45
C VAL A 90 10.66 -1.15 -19.94
N ILE A 91 11.63 -2.08 -19.91
CA ILE A 91 11.34 -3.47 -20.22
C ILE A 91 10.89 -4.25 -18.99
N ASP A 92 11.15 -3.73 -17.79
CA ASP A 92 10.72 -4.38 -16.56
C ASP A 92 9.27 -4.01 -16.26
N GLY A 93 8.79 -4.47 -15.11
CA GLY A 93 7.46 -4.10 -14.64
C GLY A 93 7.49 -3.61 -13.21
N ASN A 94 8.67 -3.16 -12.77
CA ASN A 94 8.85 -2.72 -11.39
C ASN A 94 8.24 -1.35 -11.20
N PHE A 95 7.28 -1.24 -10.28
CA PHE A 95 6.68 0.04 -9.95
C PHE A 95 7.66 0.99 -9.28
N ASP A 96 8.74 0.45 -8.70
CA ASP A 96 9.76 1.30 -8.08
C ASP A 96 10.53 2.12 -9.11
N ASP A 97 10.45 1.76 -10.39
CA ASP A 97 11.29 2.37 -11.41
C ASP A 97 10.98 3.85 -11.56
N PRO A 98 11.97 4.73 -11.39
CA PRO A 98 11.72 6.17 -11.59
C PRO A 98 11.61 6.57 -13.05
N ARG A 99 11.86 5.66 -13.98
CA ARG A 99 11.80 5.94 -15.40
C ARG A 99 10.41 5.67 -15.99
N LEU A 100 9.43 5.33 -15.16
CA LEU A 100 8.08 5.06 -15.64
C LEU A 100 7.26 6.33 -15.82
N THR A 101 7.52 7.35 -15.01
CA THR A 101 6.65 8.53 -14.99
C THR A 101 6.79 9.34 -16.27
N ASP A 102 5.65 9.72 -16.83
CA ASP A 102 5.60 10.62 -17.99
C ASP A 102 5.62 12.05 -17.46
N TYR A 103 6.82 12.61 -17.33
CA TYR A 103 6.95 13.95 -16.77
C TYR A 103 6.34 15.02 -17.67
N ASP A 104 6.27 14.75 -18.98
CA ASP A 104 5.67 15.73 -19.89
C ASP A 104 4.19 15.96 -19.56
N THR A 105 3.46 14.88 -19.33
CA THR A 105 2.06 15.01 -18.94
C THR A 105 1.93 15.60 -17.54
N LEU A 106 2.81 15.16 -16.61
CA LEU A 106 2.73 15.63 -15.23
C LEU A 106 3.01 17.12 -15.11
N LEU A 107 4.10 17.58 -15.74
CA LEU A 107 4.46 19.00 -15.65
C LEU A 107 3.43 19.87 -16.34
N ASP A 108 2.85 19.39 -17.45
CA ASP A 108 1.81 20.15 -18.13
C ASP A 108 0.57 20.28 -17.24
N ASN A 109 0.21 19.21 -16.55
CA ASN A 109 -0.98 19.24 -15.70
C ASN A 109 -0.84 20.25 -14.57
N ILE A 110 0.32 20.28 -13.91
CA ILE A 110 0.50 21.20 -12.79
C ILE A 110 0.61 22.64 -13.27
N HIS A 111 1.21 22.86 -14.44
CA HIS A 111 1.27 24.22 -14.99
C HIS A 111 -0.12 24.73 -15.33
N GLY A 112 -0.99 23.87 -15.86
CA GLY A 112 -2.35 24.28 -16.13
C GLY A 112 -3.13 24.60 -14.87
N LEU A 113 -2.97 23.77 -13.83
CA LEU A 113 -3.65 24.01 -12.57
C LEU A 113 -3.15 25.29 -11.89
N ARG A 114 -1.87 25.62 -12.08
CA ARG A 114 -1.35 26.88 -11.54
C ARG A 114 -1.99 28.08 -12.23
N ASP A 115 -2.27 27.96 -13.53
CA ASP A 115 -2.93 29.02 -14.28
C ASP A 115 -4.45 28.98 -14.15
N GLY A 116 -4.99 28.14 -13.26
CA GLY A 116 -6.41 28.09 -13.02
C GLY A 116 -7.20 27.25 -13.98
N LYS A 117 -6.57 26.60 -14.94
CA LYS A 117 -7.29 25.79 -15.92
C LYS A 117 -7.48 24.37 -15.40
N PRO A 118 -8.64 23.77 -15.66
CA PRO A 118 -8.79 22.33 -15.43
C PRO A 118 -7.93 21.55 -16.41
N VAL A 119 -7.45 20.38 -15.96
CA VAL A 119 -6.54 19.57 -16.75
C VAL A 119 -7.07 18.14 -16.81
N GLN A 120 -6.59 17.40 -17.81
CA GLN A 120 -6.92 15.99 -18.00
C GLN A 120 -5.77 15.17 -17.44
N VAL A 121 -5.95 14.65 -16.23
CA VAL A 121 -4.94 13.83 -15.56
C VAL A 121 -5.15 12.37 -15.93
N PRO A 122 -4.10 11.65 -16.34
CA PRO A 122 -4.27 10.28 -16.84
C PRO A 122 -4.68 9.31 -15.74
N ILE A 123 -5.28 8.21 -16.18
CA ILE A 123 -5.64 7.08 -15.33
C ILE A 123 -4.91 5.85 -15.84
N TYR A 124 -4.24 5.14 -14.94
CA TYR A 124 -3.39 4.02 -15.31
C TYR A 124 -3.98 2.72 -14.75
N ASP A 125 -4.05 1.69 -15.59
CA ASP A 125 -4.49 0.36 -15.18
C ASP A 125 -3.26 -0.53 -15.12
N PHE A 126 -2.94 -1.02 -13.91
CA PHE A 126 -1.75 -1.85 -13.73
C PHE A 126 -1.97 -3.25 -14.29
N LYS A 127 -3.22 -3.71 -14.36
CA LYS A 127 -3.49 -5.04 -14.90
C LYS A 127 -3.10 -5.12 -16.37
N SER A 128 -3.47 -4.12 -17.16
CA SER A 128 -3.12 -4.06 -18.57
C SER A 128 -1.83 -3.28 -18.83
N SER A 129 -1.27 -2.66 -17.80
CA SER A 129 -0.03 -1.87 -17.93
C SER A 129 -0.17 -0.80 -19.01
N SER A 130 -1.32 -0.12 -19.02
CA SER A 130 -1.61 0.86 -20.05
C SER A 130 -2.46 1.98 -19.45
N ARG A 131 -2.50 3.10 -20.16
CA ARG A 131 -3.30 4.26 -19.76
C ARG A 131 -4.69 4.09 -20.36
N ILE A 132 -5.65 3.72 -19.52
CA ILE A 132 -7.01 3.45 -20.01
C ILE A 132 -7.70 4.73 -20.45
N GLY A 133 -7.43 5.84 -19.77
CA GLY A 133 -8.09 7.08 -20.13
C GLY A 133 -7.62 8.22 -19.27
N TYR A 134 -8.44 9.26 -19.22
CA TYR A 134 -8.15 10.47 -18.45
C TYR A 134 -9.36 10.87 -17.62
N ARG A 135 -9.10 11.65 -16.57
CA ARG A 135 -10.15 12.25 -15.77
C ARG A 135 -9.93 13.75 -15.70
N THR A 136 -11.02 14.49 -15.61
CA THR A 136 -10.97 15.95 -15.59
C THR A 136 -10.81 16.41 -14.14
N LEU A 137 -9.68 17.02 -13.83
CA LEU A 137 -9.40 17.55 -12.51
C LEU A 137 -9.36 19.06 -12.57
N GLU A 138 -10.20 19.72 -11.77
CA GLU A 138 -10.19 21.16 -11.64
C GLU A 138 -9.50 21.55 -10.33
N VAL A 139 -9.09 22.82 -10.26
CA VAL A 139 -8.47 23.32 -9.05
C VAL A 139 -9.49 23.24 -7.93
N PRO A 140 -9.20 22.53 -6.84
CA PRO A 140 -10.22 22.29 -5.82
C PRO A 140 -10.57 23.54 -5.05
N SER A 141 -11.62 23.42 -4.21
CA SER A 141 -12.08 24.55 -3.42
C SER A 141 -11.00 25.06 -2.48
N SER A 142 -10.31 24.14 -1.80
CA SER A 142 -9.21 24.53 -0.92
C SER A 142 -7.96 24.93 -1.69
N ARG A 143 -7.94 24.72 -3.01
CA ARG A 143 -6.78 24.98 -3.88
C ARG A 143 -5.52 24.29 -3.37
N ILE A 144 -5.68 23.20 -2.61
CA ILE A 144 -4.58 22.35 -2.18
C ILE A 144 -4.62 21.09 -3.02
N VAL A 145 -3.49 20.74 -3.63
CA VAL A 145 -3.35 19.50 -4.39
C VAL A 145 -2.16 18.74 -3.84
N ILE A 146 -2.37 17.48 -3.49
CA ILE A 146 -1.31 16.61 -2.98
C ILE A 146 -0.87 15.68 -4.10
N LEU A 147 0.43 15.69 -4.40
CA LEU A 147 1.03 14.78 -5.36
C LEU A 147 1.72 13.68 -4.58
N GLU A 148 1.13 12.48 -4.57
CA GLU A 148 1.63 11.35 -3.79
C GLU A 148 2.36 10.38 -4.71
N GLY A 149 3.58 10.03 -4.34
CA GLY A 149 4.36 9.09 -5.12
C GLY A 149 5.73 8.93 -4.51
N ILE A 150 6.42 7.87 -4.95
CA ILE A 150 7.76 7.59 -4.42
C ILE A 150 8.72 8.72 -4.76
N TYR A 151 8.66 9.24 -5.98
CA TYR A 151 9.55 10.29 -6.45
C TYR A 151 8.83 11.64 -6.58
N ALA A 152 7.89 11.91 -5.66
CA ALA A 152 7.19 13.18 -5.66
C ALA A 152 8.08 14.35 -5.29
N LEU A 153 9.27 14.08 -4.75
CA LEU A 153 10.24 15.12 -4.42
C LEU A 153 11.42 15.11 -5.40
N SER A 154 11.17 14.69 -6.64
CA SER A 154 12.22 14.64 -7.65
C SER A 154 12.68 16.05 -8.01
N GLU A 155 13.87 16.13 -8.61
CA GLU A 155 14.44 17.41 -8.98
C GLU A 155 13.58 18.14 -10.01
N LYS A 156 12.83 17.41 -10.83
CA LYS A 156 11.96 18.04 -11.81
C LYS A 156 10.75 18.71 -11.16
N LEU A 157 10.34 18.22 -9.98
CA LEU A 157 9.12 18.71 -9.34
C LEU A 157 9.38 19.66 -8.18
N ARG A 158 10.56 19.60 -7.56
CA ARG A 158 10.83 20.46 -6.40
C ARG A 158 10.67 21.95 -6.68
N PRO A 159 11.12 22.50 -7.81
CA PRO A 159 10.88 23.94 -8.05
C PRO A 159 9.41 24.31 -8.07
N LEU A 160 8.53 23.42 -8.53
CA LEU A 160 7.11 23.71 -8.60
C LEU A 160 6.34 23.31 -7.34
N LEU A 161 7.00 22.65 -6.39
CA LEU A 161 6.33 22.26 -5.15
C LEU A 161 6.35 23.41 -4.16
N ASP A 162 5.23 23.60 -3.46
CA ASP A 162 5.15 24.59 -2.40
C ASP A 162 5.55 24.03 -1.04
N LEU A 163 5.31 22.75 -0.81
CA LEU A 163 5.70 22.09 0.44
C LEU A 163 6.18 20.69 0.12
N ARG A 164 7.32 20.31 0.70
CA ARG A 164 7.93 19.01 0.46
C ARG A 164 7.85 18.19 1.75
N VAL A 165 7.08 17.10 1.71
CA VAL A 165 6.86 16.25 2.87
C VAL A 165 7.28 14.83 2.52
N SER A 166 8.02 14.20 3.42
CA SER A 166 8.49 12.83 3.26
C SER A 166 7.95 11.96 4.38
N VAL A 167 7.64 10.70 4.07
CA VAL A 167 7.18 9.73 5.04
C VAL A 167 8.09 8.51 4.96
N THR A 168 8.62 8.10 6.11
CA THR A 168 9.56 6.99 6.19
C THR A 168 9.13 6.06 7.31
N GLY A 169 9.57 4.81 7.22
CA GLY A 169 9.29 3.82 8.26
C GLY A 169 8.12 2.94 7.88
N GLY A 170 7.15 2.83 8.79
CA GLY A 170 5.99 2.01 8.54
C GLY A 170 6.36 0.54 8.41
N VAL A 171 5.49 -0.19 7.69
CA VAL A 171 5.76 -1.59 7.41
C VAL A 171 6.96 -1.77 6.50
N HIS A 172 7.34 -0.71 5.77
CA HIS A 172 8.54 -0.77 4.94
C HIS A 172 9.78 -1.03 5.79
N PHE A 173 9.91 -0.31 6.91
CA PHE A 173 11.03 -0.55 7.80
C PHE A 173 10.80 -1.74 8.72
N ASP A 174 9.53 -2.01 9.07
CA ASP A 174 9.24 -3.13 9.97
C ASP A 174 9.63 -4.46 9.35
N LEU A 175 9.55 -4.57 8.02
CA LEU A 175 10.02 -5.80 7.37
C LEU A 175 11.51 -5.99 7.59
N VAL A 176 12.28 -4.91 7.56
CA VAL A 176 13.72 -5.01 7.80
C VAL A 176 14.00 -5.53 9.20
N LYS A 177 13.28 -5.02 10.21
CA LYS A 177 13.44 -5.54 11.55
C LYS A 177 12.98 -6.99 11.65
N ARG A 178 11.90 -7.34 10.95
CA ARG A 178 11.43 -8.72 10.94
C ARG A 178 12.48 -9.66 10.36
N VAL A 179 13.13 -9.25 9.26
CA VAL A 179 14.21 -10.05 8.70
C VAL A 179 15.36 -10.16 9.69
N LEU A 180 15.66 -9.06 10.40
CA LEU A 180 16.72 -9.10 11.41
C LEU A 180 16.39 -10.11 12.51
N ARG A 181 15.12 -10.16 12.95
CA ARG A 181 14.74 -11.14 13.96
C ARG A 181 14.98 -12.56 13.48
N ASP A 182 14.90 -12.80 12.17
CA ASP A 182 15.01 -14.14 11.62
C ASP A 182 16.45 -14.55 11.32
N ILE A 183 17.34 -13.61 11.02
CA ILE A 183 18.67 -13.93 10.51
C ILE A 183 19.80 -13.40 11.38
N GLN A 184 19.49 -12.75 12.51
CA GLN A 184 20.55 -12.17 13.33
C GLN A 184 21.45 -13.27 13.90
N ARG A 185 22.76 -13.02 13.84
CA ARG A 185 23.76 -13.91 14.41
C ARG A 185 24.52 -13.19 15.52
N ALA A 186 25.02 -13.97 16.47
CA ALA A 186 25.70 -13.40 17.62
C ALA A 186 26.96 -12.65 17.21
N GLY A 187 27.21 -11.54 17.89
CA GLY A 187 28.37 -10.71 17.61
C GLY A 187 28.18 -9.68 16.52
N GLN A 188 27.09 -9.76 15.76
CA GLN A 188 26.81 -8.79 14.72
C GLN A 188 26.27 -7.50 15.32
N GLU A 189 26.79 -6.37 14.86
CA GLU A 189 26.25 -5.08 15.26
C GLU A 189 24.89 -4.90 14.60
N PRO A 190 23.81 -4.72 15.36
CA PRO A 190 22.47 -4.73 14.76
C PRO A 190 22.26 -3.66 13.69
N GLU A 191 22.81 -2.46 13.90
CA GLU A 191 22.60 -1.40 12.91
C GLU A 191 23.31 -1.70 11.60
N GLU A 192 24.49 -2.33 11.66
CA GLU A 192 25.19 -2.69 10.43
C GLU A 192 24.41 -3.72 9.64
N ILE A 193 23.82 -4.70 10.32
CA ILE A 193 23.00 -5.70 9.62
C ILE A 193 21.75 -5.06 9.04
N ILE A 194 21.13 -4.14 9.78
CA ILE A 194 19.93 -3.46 9.29
C ILE A 194 20.24 -2.72 8.00
N HIS A 195 21.40 -2.05 7.94
CA HIS A 195 21.82 -1.38 6.71
C HIS A 195 21.99 -2.38 5.57
N GLN A 196 22.60 -3.54 5.86
CA GLN A 196 22.82 -4.54 4.82
C GLN A 196 21.51 -5.20 4.39
N ILE A 197 20.56 -5.36 5.31
CA ILE A 197 19.26 -5.90 4.93
C ILE A 197 18.54 -4.94 3.98
N SER A 198 18.59 -3.64 4.28
CA SER A 198 17.94 -2.65 3.43
C SER A 198 18.55 -2.63 2.03
N GLU A 199 19.87 -2.75 1.93
CA GLU A 199 20.52 -2.78 0.63
C GLU A 199 20.09 -4.01 -0.16
N THR A 200 19.92 -5.15 0.52
CA THR A 200 19.57 -6.38 -0.18
C THR A 200 18.09 -6.40 -0.58
N VAL A 201 17.20 -6.09 0.36
CA VAL A 201 15.77 -6.21 0.09
C VAL A 201 15.19 -4.96 -0.57
N TYR A 202 15.84 -3.81 -0.43
CA TYR A 202 15.42 -2.57 -1.07
C TYR A 202 16.60 -1.99 -1.83
N PRO A 203 16.96 -2.60 -2.97
CA PRO A 203 18.22 -2.23 -3.63
C PRO A 203 18.24 -0.86 -4.29
N MSE A 204 17.15 -0.09 -4.23
CA MSE A 204 17.11 1.22 -4.86
CA MSE A 204 17.12 1.21 -4.87
C MSE A 204 16.79 2.34 -3.89
O MSE A 204 16.82 3.52 -4.26
CB MSE A 204 16.08 1.25 -6.00
CB MSE A 204 16.12 1.23 -6.02
CG MSE A 204 16.28 0.19 -7.07
CG MSE A 204 16.29 0.08 -7.01
SE MSE A 204 15.36 0.71 -8.70
SE MSE A 204 18.06 0.00 -7.82
CE MSE A 204 14.02 1.88 -7.92
CE MSE A 204 17.83 -1.58 -8.94
N TYR A 205 16.50 1.99 -2.63
CA TYR A 205 16.13 3.00 -1.65
C TYR A 205 17.29 3.95 -1.36
N LYS A 206 18.48 3.39 -1.08
CA LYS A 206 19.62 4.22 -0.71
C LYS A 206 20.11 5.09 -1.86
N ALA A 207 19.85 4.69 -3.11
CA ALA A 207 20.41 5.37 -4.27
C ALA A 207 19.43 6.36 -4.90
N PHE A 208 18.19 5.96 -5.11
CA PHE A 208 17.23 6.77 -5.86
C PHE A 208 16.18 7.44 -4.99
N ILE A 209 15.76 6.82 -3.90
CA ILE A 209 14.60 7.28 -3.14
C ILE A 209 15.01 8.17 -1.99
N GLU A 210 15.95 7.72 -1.16
CA GLU A 210 16.31 8.46 0.05
C GLU A 210 16.87 9.85 -0.21
N PRO A 211 17.79 10.09 -1.16
CA PRO A 211 18.33 11.45 -1.32
C PRO A 211 17.27 12.51 -1.57
N ASP A 212 16.22 12.20 -2.32
CA ASP A 212 15.14 13.15 -2.52
C ASP A 212 14.36 13.39 -1.23
N LEU A 213 14.23 12.38 -0.38
CA LEU A 213 13.50 12.52 0.87
C LEU A 213 14.19 13.48 1.83
N LYS A 214 15.51 13.57 1.75
CA LYS A 214 16.25 14.47 2.63
C LYS A 214 15.93 15.94 2.39
N THR A 215 15.44 16.28 1.20
CA THR A 215 15.09 17.65 0.87
C THR A 215 13.71 18.06 1.38
N ALA A 216 13.02 17.16 2.10
CA ALA A 216 11.70 17.48 2.61
C ALA A 216 11.77 18.51 3.72
N GLN A 217 10.72 19.34 3.80
CA GLN A 217 10.61 20.35 4.83
C GLN A 217 9.89 19.83 6.07
N ILE A 218 9.02 18.85 5.92
CA ILE A 218 8.35 18.18 7.03
C ILE A 218 8.67 16.69 6.89
N LYS A 219 9.60 16.20 7.70
CA LYS A 219 10.00 14.80 7.66
C LYS A 219 9.18 14.02 8.69
N ILE A 220 8.38 13.08 8.22
CA ILE A 220 7.48 12.30 9.06
C ILE A 220 8.01 10.87 9.14
N LEU A 221 8.15 10.36 10.36
CA LEU A 221 8.59 8.99 10.60
C LEU A 221 7.42 8.24 11.22
N ASN A 222 6.80 7.37 10.43
CA ASN A 222 5.65 6.59 10.89
C ASN A 222 6.18 5.32 11.54
N LYS A 223 6.07 5.25 12.86
CA LYS A 223 6.48 4.05 13.59
C LYS A 223 5.38 3.01 13.51
N PHE A 224 5.74 1.81 13.07
CA PHE A 224 4.76 0.74 12.91
C PHE A 224 4.33 0.21 14.28
N ASN A 225 3.02 0.03 14.46
CA ASN A 225 2.46 -0.50 15.70
C ASN A 225 1.98 -1.92 15.47
N PRO A 226 2.64 -2.93 16.06
CA PRO A 226 2.17 -4.31 15.87
C PRO A 226 0.78 -4.57 16.42
N PHE A 227 0.35 -3.82 17.44
CA PHE A 227 -0.91 -4.08 18.11
C PHE A 227 -2.11 -3.41 17.44
N SER A 228 -1.87 -2.44 16.54
CA SER A 228 -2.99 -1.77 15.88
C SER A 228 -3.71 -2.69 14.92
N GLY A 229 -2.99 -3.60 14.26
CA GLY A 229 -3.63 -4.49 13.31
C GLY A 229 -4.65 -5.40 13.94
N PHE A 230 -4.34 -5.95 15.11
CA PHE A 230 -5.28 -6.83 15.80
C PHE A 230 -6.40 -6.06 16.48
N GLN A 231 -6.25 -4.75 16.67
CA GLN A 231 -7.36 -3.94 17.18
C GLN A 231 -8.50 -3.88 16.17
N ASN A 232 -8.18 -3.74 14.88
CA ASN A 232 -9.16 -3.68 13.80
C ASN A 232 -8.76 -4.68 12.73
N PRO A 233 -8.90 -5.98 13.01
CA PRO A 233 -8.44 -6.99 12.06
C PRO A 233 -9.50 -7.36 11.03
N THR A 234 -9.18 -8.32 10.17
CA THR A 234 -10.11 -8.84 9.18
C THR A 234 -10.66 -10.19 9.64
N TYR A 235 -11.98 -10.30 9.69
CA TYR A 235 -12.65 -11.53 10.09
C TYR A 235 -13.04 -12.29 8.84
N ILE A 236 -12.69 -13.57 8.79
CA ILE A 236 -12.88 -14.41 7.60
C ILE A 236 -13.64 -15.66 8.00
N LEU A 237 -14.70 -15.96 7.25
CA LEU A 237 -15.42 -17.23 7.36
C LEU A 237 -15.28 -17.97 6.04
N LYS A 238 -14.75 -19.20 6.12
CA LYS A 238 -14.53 -20.02 4.94
C LYS A 238 -15.44 -21.23 4.99
N SER A 239 -16.07 -21.54 3.85
CA SER A 239 -17.06 -22.61 3.77
C SER A 239 -16.73 -23.55 2.62
N SER A 240 -17.10 -24.82 2.80
CA SER A 240 -16.99 -25.82 1.75
C SER A 240 -18.27 -25.98 0.96
N LYS A 241 -19.29 -25.16 1.22
CA LYS A 241 -20.55 -25.24 0.53
C LYS A 241 -20.37 -24.86 -0.95
N ALA A 242 -21.43 -25.08 -1.72
CA ALA A 242 -21.41 -24.87 -3.17
C ALA A 242 -22.29 -23.69 -3.59
N VAL A 243 -22.23 -22.60 -2.83
CA VAL A 243 -22.98 -21.40 -3.16
C VAL A 243 -22.46 -20.84 -4.48
N THR A 244 -23.31 -20.88 -5.51
CA THR A 244 -22.89 -20.45 -6.83
C THR A 244 -22.82 -18.92 -6.89
N PRO A 245 -22.01 -18.39 -7.82
CA PRO A 245 -22.01 -16.93 -8.01
C PRO A 245 -23.37 -16.37 -8.40
N GLU A 246 -24.19 -17.17 -9.11
CA GLU A 246 -25.54 -16.72 -9.43
C GLU A 246 -26.39 -16.60 -8.17
N GLN A 247 -26.23 -17.52 -7.22
CA GLN A 247 -26.96 -17.44 -5.96
C GLN A 247 -26.53 -16.22 -5.16
N MSE A 248 -25.24 -15.89 -5.17
CA MSE A 248 -24.72 -14.74 -4.46
C MSE A 248 -25.29 -13.43 -4.99
O MSE A 248 -25.65 -12.54 -4.21
CB MSE A 248 -23.19 -14.70 -4.53
CG MSE A 248 -22.50 -15.92 -3.93
SE MSE A 248 -20.56 -15.86 -4.16
CE MSE A 248 -20.09 -17.56 -3.34
N LYS A 249 -25.38 -13.32 -6.32
CA LYS A 249 -25.84 -12.09 -6.94
C LYS A 249 -27.27 -11.74 -6.50
N ALA A 250 -28.15 -12.74 -6.47
CA ALA A 250 -29.53 -12.49 -6.05
C ALA A 250 -29.64 -12.26 -4.56
N ALA A 251 -28.95 -13.07 -3.75
CA ALA A 251 -29.05 -12.95 -2.30
C ALA A 251 -28.47 -11.63 -1.81
N LEU A 252 -27.32 -11.22 -2.35
CA LEU A 252 -26.69 -9.99 -1.91
C LEU A 252 -27.38 -8.77 -2.50
N SER A 253 -27.15 -7.62 -1.87
CA SER A 253 -27.73 -6.37 -2.34
C SER A 253 -27.08 -5.93 -3.65
N GLU A 254 -27.75 -5.02 -4.35
CA GLU A 254 -27.21 -4.45 -5.57
C GLU A 254 -25.98 -3.59 -5.32
N ASP A 255 -25.70 -3.23 -4.06
CA ASP A 255 -24.47 -2.52 -3.73
C ASP A 255 -23.24 -3.40 -3.83
N PHE A 256 -23.40 -4.72 -3.93
CA PHE A 256 -22.27 -5.63 -4.08
C PHE A 256 -21.83 -5.63 -5.54
N LYS A 257 -20.64 -5.09 -5.80
CA LYS A 257 -20.10 -5.07 -7.15
C LYS A 257 -19.43 -6.40 -7.46
N GLU A 258 -19.57 -6.86 -8.71
CA GLU A 258 -19.12 -8.16 -9.14
C GLU A 258 -17.85 -8.03 -9.97
N ARG A 259 -16.86 -8.86 -9.67
CA ARG A 259 -15.60 -8.85 -10.41
C ARG A 259 -14.94 -10.22 -10.31
N THR A 260 -13.98 -10.45 -11.20
CA THR A 260 -13.23 -11.69 -11.25
C THR A 260 -11.74 -11.39 -11.31
N GLU A 261 -10.93 -12.31 -10.78
CA GLU A 261 -9.49 -12.10 -10.74
C GLU A 261 -8.78 -13.44 -10.60
N GLU A 262 -7.50 -13.43 -10.96
CA GLU A 262 -6.60 -14.57 -10.76
C GLU A 262 -5.41 -14.12 -9.94
N THR A 263 -5.09 -14.89 -8.90
CA THR A 263 -4.00 -14.54 -7.99
C THR A 263 -3.03 -15.71 -7.87
N TYR A 264 -1.77 -15.38 -7.61
CA TYR A 264 -0.73 -16.38 -7.36
C TYR A 264 0.01 -15.99 -6.10
N ASP A 265 0.05 -16.91 -5.13
CA ASP A 265 0.64 -16.65 -3.82
C ASP A 265 1.90 -17.50 -3.66
N ILE A 266 2.98 -16.87 -3.20
CA ILE A 266 4.25 -17.55 -2.94
C ILE A 266 4.48 -17.53 -1.44
N TYR A 267 4.52 -18.70 -0.82
CA TYR A 267 4.71 -18.83 0.61
C TYR A 267 6.19 -19.01 0.91
N LEU A 268 6.74 -18.14 1.75
CA LEU A 268 8.16 -18.13 2.08
C LEU A 268 8.35 -18.51 3.53
N LEU A 269 9.31 -19.41 3.79
CA LEU A 269 9.66 -19.76 5.16
C LEU A 269 10.93 -19.04 5.59
N PRO A 270 11.02 -18.65 6.86
CA PRO A 270 12.24 -18.00 7.33
C PRO A 270 13.41 -18.98 7.32
N PRO A 271 14.64 -18.48 7.18
CA PRO A 271 15.79 -19.38 7.26
C PRO A 271 15.92 -19.99 8.65
N GLY A 272 16.46 -21.19 8.70
CA GLY A 272 16.55 -21.96 9.92
C GLY A 272 15.74 -23.23 9.83
N GLU A 273 15.68 -23.95 10.94
CA GLU A 273 15.02 -25.25 11.01
C GLU A 273 13.73 -25.10 11.82
N ASP A 274 12.62 -24.82 11.12
CA ASP A 274 11.30 -24.87 11.73
C ASP A 274 10.72 -26.24 11.44
N PRO A 275 10.61 -27.13 12.43
CA PRO A 275 10.19 -28.50 12.14
C PRO A 275 8.72 -28.61 11.76
N GLU A 276 8.36 -28.04 10.60
CA GLU A 276 6.97 -28.00 10.12
C GLU A 276 6.04 -27.39 11.17
N ALA A 277 6.59 -26.57 12.05
CA ALA A 277 5.85 -25.89 13.11
C ALA A 277 6.64 -24.66 13.50
N CYS A 278 6.00 -23.80 14.28
CA CYS A 278 6.57 -22.49 14.63
C CYS A 278 6.87 -21.68 13.38
N GLN A 279 6.07 -21.89 12.34
CA GLN A 279 6.35 -21.37 11.00
C GLN A 279 5.57 -20.08 10.79
N SER A 280 6.29 -18.96 10.71
CA SER A 280 5.71 -17.67 10.37
C SER A 280 6.00 -17.40 8.90
N TYR A 281 5.00 -17.62 8.05
CA TYR A 281 5.17 -17.45 6.62
C TYR A 281 5.20 -15.98 6.24
N LEU A 282 5.94 -15.70 5.17
CA LEU A 282 5.80 -14.46 4.41
C LEU A 282 5.21 -14.81 3.05
N ARG A 283 4.16 -14.09 2.67
CA ARG A 283 3.44 -14.40 1.44
C ARG A 283 3.69 -13.32 0.39
N MSE A 284 4.11 -13.74 -0.79
CA MSE A 284 4.19 -12.86 -1.96
C MSE A 284 2.99 -13.12 -2.84
O MSE A 284 2.81 -14.22 -3.35
CB MSE A 284 5.49 -13.10 -2.73
CG MSE A 284 6.69 -12.34 -2.21
SE MSE A 284 7.07 -10.75 -3.27
CE MSE A 284 7.25 -11.60 -5.02
N ARG A 285 2.15 -12.10 -3.03
CA ARG A 285 0.92 -12.23 -3.81
C ARG A 285 1.04 -11.42 -5.10
N ASN A 286 0.72 -12.05 -6.22
CA ASN A 286 0.68 -11.40 -7.53
C ASN A 286 -0.78 -11.32 -7.97
N ARG A 287 -1.25 -10.10 -8.25
CA ARG A 287 -2.65 -9.91 -8.61
C ARG A 287 -2.76 -8.62 -9.42
N ASP A 288 -3.16 -8.76 -10.69
CA ASP A 288 -3.42 -7.62 -11.57
C ASP A 288 -2.19 -6.72 -11.70
N GLY A 289 -1.07 -7.33 -12.05
CA GLY A 289 0.14 -6.56 -12.33
C GLY A 289 0.81 -5.94 -11.14
N LYS A 290 0.49 -6.40 -9.93
CA LYS A 290 1.09 -5.88 -8.71
C LYS A 290 1.55 -7.03 -7.83
N TYR A 291 2.69 -6.83 -7.17
CA TYR A 291 3.21 -7.76 -6.18
C TYR A 291 3.04 -7.18 -4.79
N ASN A 292 2.45 -7.96 -3.88
CA ASN A 292 2.22 -7.54 -2.51
C ASN A 292 2.88 -8.53 -1.57
N LEU A 293 3.60 -8.01 -0.58
CA LEU A 293 4.19 -8.83 0.47
C LEU A 293 3.27 -8.83 1.67
N MSE A 294 2.94 -10.03 2.16
CA MSE A 294 1.97 -10.16 3.24
C MSE A 294 2.54 -10.90 4.44
O MSE A 294 3.18 -11.94 4.30
CB MSE A 294 0.71 -10.87 2.74
CG MSE A 294 -0.07 -10.07 1.72
SE MSE A 294 -1.61 -11.05 1.02
CE MSE A 294 -2.47 -9.59 0.06
N PHE A 295 2.30 -10.35 5.63
CA PHE A 295 2.66 -11.01 6.87
C PHE A 295 1.53 -11.94 7.30
N GLU A 296 1.87 -13.19 7.59
CA GLU A 296 0.87 -14.21 7.90
C GLU A 296 0.81 -14.39 9.42
N GLU A 297 0.03 -13.54 10.07
CA GLU A 297 -0.20 -13.57 11.51
C GLU A 297 -1.67 -13.90 11.72
N TRP A 298 -1.96 -15.13 12.10
CA TRP A 298 -3.32 -15.64 12.12
C TRP A 298 -3.70 -16.15 13.52
N VAL A 299 -4.97 -15.90 13.89
CA VAL A 299 -5.57 -16.46 15.09
C VAL A 299 -6.87 -17.14 14.68
N THR A 300 -7.26 -18.18 15.42
CA THR A 300 -8.43 -18.99 15.07
C THR A 300 -9.43 -18.95 16.22
N ASP A 301 -10.50 -18.18 16.05
CA ASP A 301 -11.65 -18.18 16.96
C ASP A 301 -12.78 -18.87 16.22
N ARG A 302 -12.86 -20.19 16.39
CA ARG A 302 -13.78 -21.02 15.63
C ARG A 302 -15.20 -20.43 15.70
N PRO A 303 -15.90 -20.28 14.57
CA PRO A 303 -15.49 -20.70 13.22
C PRO A 303 -14.71 -19.65 12.43
N PHE A 304 -14.34 -18.55 13.07
CA PHE A 304 -13.65 -17.46 12.40
C PHE A 304 -12.14 -17.70 12.38
N ILE A 305 -11.50 -17.26 11.29
CA ILE A 305 -10.05 -17.08 11.24
C ILE A 305 -9.80 -15.59 11.05
N ILE A 306 -8.90 -15.04 11.87
CA ILE A 306 -8.72 -13.60 11.98
C ILE A 306 -7.25 -13.27 11.74
N SER A 307 -7.01 -12.19 10.98
CA SER A 307 -5.66 -11.71 10.73
C SER A 307 -5.70 -10.23 10.40
N PRO A 308 -4.73 -9.44 10.84
CA PRO A 308 -4.69 -8.03 10.46
C PRO A 308 -4.56 -7.81 8.96
N ARG A 309 -3.95 -8.76 8.24
CA ARG A 309 -3.69 -8.65 6.80
C ARG A 309 -2.84 -7.41 6.50
N ILE A 310 -1.64 -7.40 7.07
CA ILE A 310 -0.69 -6.31 6.86
C ILE A 310 0.06 -6.56 5.57
N THR A 311 -0.03 -5.63 4.62
CA THR A 311 0.57 -5.82 3.31
C THR A 311 1.01 -4.47 2.75
N PHE A 312 1.99 -4.53 1.85
CA PHE A 312 2.42 -3.36 1.11
C PHE A 312 3.00 -3.81 -0.23
N GLU A 313 2.95 -2.90 -1.21
CA GLU A 313 3.39 -3.24 -2.56
C GLU A 313 4.91 -3.36 -2.63
N VAL A 314 5.38 -4.42 -3.29
CA VAL A 314 6.80 -4.70 -3.41
C VAL A 314 7.13 -5.07 -4.85
N SER A 315 8.41 -5.00 -5.18
CA SER A 315 8.91 -5.46 -6.47
C SER A 315 9.28 -6.93 -6.40
N VAL A 316 9.38 -7.56 -7.57
CA VAL A 316 9.83 -8.95 -7.64
C VAL A 316 11.27 -9.07 -7.14
N ARG A 317 12.04 -7.98 -7.24
CA ARG A 317 13.41 -7.99 -6.73
C ARG A 317 13.44 -8.29 -5.23
N LEU A 318 12.37 -7.94 -4.51
CA LEU A 318 12.30 -8.26 -3.08
C LEU A 318 12.32 -9.77 -2.86
N LEU A 319 11.65 -10.52 -3.73
CA LEU A 319 11.67 -11.97 -3.62
C LEU A 319 13.09 -12.52 -3.77
N GLY A 320 13.85 -12.00 -4.74
CA GLY A 320 15.23 -12.41 -4.88
C GLY A 320 16.07 -12.03 -3.67
N GLY A 321 15.84 -10.84 -3.12
CA GLY A 321 16.61 -10.42 -1.96
C GLY A 321 16.32 -11.26 -0.73
N LEU A 322 15.04 -11.60 -0.51
CA LEU A 322 14.70 -12.45 0.63
C LEU A 322 15.32 -13.83 0.52
N MSE A 323 15.32 -14.40 -0.68
CA MSE A 323 15.90 -15.72 -0.89
C MSE A 323 17.41 -15.68 -0.75
O MSE A 323 18.03 -16.63 -0.28
CB MSE A 323 15.50 -16.26 -2.27
CG MSE A 323 14.00 -16.44 -2.42
SE MSE A 323 13.48 -17.19 -4.14
CE MSE A 323 14.21 -18.98 -3.93
N ALA A 324 18.01 -14.56 -1.16
CA ALA A 324 19.44 -14.35 -0.92
C ALA A 324 19.76 -14.27 0.56
N LEU A 325 18.78 -13.92 1.39
CA LEU A 325 18.96 -13.83 2.83
C LEU A 325 18.57 -15.13 3.56
N GLY A 326 18.23 -16.19 2.83
CA GLY A 326 17.95 -17.48 3.42
C GLY A 326 16.50 -17.90 3.39
N TYR A 327 15.57 -17.01 3.06
CA TYR A 327 14.18 -17.39 2.97
C TYR A 327 13.97 -18.33 1.80
N THR A 328 13.13 -19.36 2.00
CA THR A 328 12.92 -20.41 1.01
C THR A 328 11.45 -20.46 0.61
N ILE A 329 11.21 -20.90 -0.62
CA ILE A 329 9.85 -21.02 -1.14
C ILE A 329 9.26 -22.34 -0.68
N ALA A 330 8.20 -22.28 0.11
CA ALA A 330 7.56 -23.50 0.61
C ALA A 330 6.60 -24.08 -0.41
N THR A 331 5.74 -23.26 -0.99
CA THR A 331 4.77 -23.73 -1.97
C THR A 331 4.28 -22.55 -2.80
N ILE A 332 3.64 -22.87 -3.92
CA ILE A 332 3.00 -21.89 -4.79
C ILE A 332 1.53 -22.25 -4.89
N LEU A 333 0.66 -21.28 -4.60
CA LEU A 333 -0.78 -21.48 -4.66
C LEU A 333 -1.36 -20.57 -5.74
N LYS A 334 -1.96 -21.18 -6.76
CA LYS A 334 -2.61 -20.46 -7.84
C LYS A 334 -4.12 -20.65 -7.71
N ARG A 335 -4.86 -19.55 -7.76
CA ARG A 335 -6.30 -19.60 -7.59
C ARG A 335 -6.99 -18.67 -8.57
N LYS A 336 -8.26 -18.97 -8.85
CA LYS A 336 -9.15 -18.12 -9.63
C LYS A 336 -10.36 -17.81 -8.78
N SER A 337 -10.73 -16.54 -8.68
CA SER A 337 -11.73 -16.09 -7.73
C SER A 337 -12.82 -15.28 -8.40
N HIS A 338 -14.04 -15.42 -7.88
CA HIS A 338 -15.19 -14.62 -8.28
C HIS A 338 -15.63 -13.84 -7.04
N ILE A 339 -15.58 -12.51 -7.13
CA ILE A 339 -15.65 -11.66 -5.95
C ILE A 339 -16.87 -10.75 -6.04
N PHE A 340 -17.63 -10.67 -4.95
CA PHE A 340 -18.68 -9.68 -4.77
C PHE A 340 -18.27 -8.79 -3.61
N ASP A 341 -18.23 -7.48 -3.86
CA ASP A 341 -17.67 -6.53 -2.90
C ASP A 341 -18.72 -5.46 -2.58
N ASP A 342 -19.08 -5.36 -1.32
CA ASP A 342 -19.93 -4.28 -0.81
C ASP A 342 -19.12 -3.02 -0.50
N ASP A 343 -17.81 -3.05 -0.72
CA ASP A 343 -16.82 -2.04 -0.34
C ASP A 343 -16.60 -2.03 1.17
N LYS A 344 -17.38 -2.79 1.93
CA LYS A 344 -17.24 -3.04 3.37
C LYS A 344 -17.19 -4.52 3.70
N VAL A 345 -17.94 -5.35 2.97
CA VAL A 345 -17.96 -6.79 3.17
C VAL A 345 -17.76 -7.47 1.82
N ILE A 346 -16.90 -8.48 1.78
CA ILE A 346 -16.58 -9.20 0.55
C ILE A 346 -17.06 -10.64 0.67
N VAL A 347 -17.81 -11.10 -0.32
CA VAL A 347 -18.20 -12.50 -0.45
C VAL A 347 -17.62 -13.01 -1.77
N LYS A 348 -16.85 -14.09 -1.69
CA LYS A 348 -16.16 -14.58 -2.88
C LYS A 348 -16.07 -16.09 -2.83
N THR A 349 -15.86 -16.68 -4.02
CA THR A 349 -15.61 -18.09 -4.19
C THR A 349 -14.24 -18.29 -4.83
N ASP A 350 -13.41 -19.11 -4.21
CA ASP A 350 -12.04 -19.34 -4.66
C ASP A 350 -11.87 -20.79 -5.08
N TRP A 351 -11.26 -21.00 -6.25
CA TRP A 351 -10.89 -22.32 -6.72
C TRP A 351 -9.36 -22.41 -6.76
N LEU A 352 -8.80 -23.33 -5.99
CA LEU A 352 -7.36 -23.52 -5.91
C LEU A 352 -6.96 -24.77 -6.69
N GLU A 353 -5.98 -24.62 -7.58
CA GLU A 353 -5.59 -25.73 -8.44
C GLU A 353 -5.03 -26.89 -7.64
N GLN A 354 -4.21 -26.60 -6.62
CA GLN A 354 -3.53 -27.65 -5.89
C GLN A 354 -4.49 -28.54 -5.12
N LEU A 355 -5.65 -28.01 -4.72
CA LEU A 355 -6.67 -28.79 -4.03
C LEU A 355 -7.78 -29.28 -4.95
N ASN A 356 -7.94 -28.66 -6.12
CA ASN A 356 -9.03 -28.98 -7.04
C ASN A 356 -10.38 -28.90 -6.33
N ARG A 357 -10.53 -27.87 -5.50
CA ARG A 357 -11.73 -27.67 -4.69
C ARG A 357 -12.15 -26.22 -4.75
N THR A 358 -13.44 -25.99 -4.50
CA THR A 358 -14.03 -24.66 -4.50
C THR A 358 -14.53 -24.34 -3.10
N TYR A 359 -14.20 -23.15 -2.61
CA TYR A 359 -14.60 -22.71 -1.28
C TYR A 359 -15.22 -21.32 -1.35
N VAL A 360 -16.12 -21.04 -0.41
CA VAL A 360 -16.79 -19.76 -0.30
C VAL A 360 -16.20 -19.01 0.88
N GLN A 361 -15.87 -17.73 0.68
CA GLN A 361 -15.22 -16.93 1.70
C GLN A 361 -15.99 -15.62 1.89
N VAL A 362 -16.31 -15.31 3.15
CA VAL A 362 -16.94 -14.05 3.52
C VAL A 362 -16.00 -13.34 4.48
N GLN A 363 -15.51 -12.17 4.08
CA GLN A 363 -14.51 -11.44 4.84
C GLN A 363 -14.88 -9.97 4.96
N GLY A 364 -14.43 -9.37 6.06
CA GLY A 364 -14.68 -7.97 6.31
C GLY A 364 -14.12 -7.59 7.66
N LYS A 365 -14.04 -6.28 7.89
CA LYS A 365 -13.54 -5.76 9.15
C LYS A 365 -14.60 -5.70 10.25
N ASP A 366 -15.87 -5.87 9.91
CA ASP A 366 -16.96 -5.89 10.89
C ASP A 366 -17.36 -7.35 11.11
N ARG A 367 -17.09 -7.85 12.31
CA ARG A 367 -17.35 -9.27 12.59
C ARG A 367 -18.83 -9.59 12.53
N THR A 368 -19.69 -8.70 13.06
CA THR A 368 -21.12 -8.96 13.03
C THR A 368 -21.65 -9.00 11.60
N PHE A 369 -21.14 -8.12 10.73
CA PHE A 369 -21.56 -8.13 9.34
C PHE A 369 -21.16 -9.42 8.65
N VAL A 370 -19.95 -9.91 8.92
CA VAL A 370 -19.47 -11.13 8.28
C VAL A 370 -20.32 -12.33 8.68
N LYS A 371 -20.64 -12.44 9.96
CA LYS A 371 -21.38 -13.61 10.44
C LYS A 371 -22.78 -13.68 9.83
N ASN A 372 -23.49 -12.55 9.82
CA ASN A 372 -24.87 -12.56 9.34
C ASN A 372 -24.94 -12.77 7.83
N VAL A 373 -24.01 -12.18 7.08
CA VAL A 373 -23.98 -12.40 5.63
C VAL A 373 -23.74 -13.87 5.33
N ALA A 374 -22.82 -14.50 6.07
CA ALA A 374 -22.61 -15.94 5.92
C ALA A 374 -23.87 -16.71 6.32
N ASP A 375 -24.56 -16.28 7.37
CA ASP A 375 -25.83 -16.89 7.74
C ASP A 375 -26.88 -16.68 6.67
N GLN A 376 -26.89 -15.48 6.04
CA GLN A 376 -27.84 -15.21 4.97
C GLN A 376 -27.65 -16.17 3.80
N LEU A 377 -26.43 -16.64 3.58
CA LEU A 377 -26.14 -17.60 2.53
C LEU A 377 -26.30 -19.04 2.97
N GLY A 378 -26.73 -19.28 4.21
CA GLY A 378 -26.87 -20.62 4.71
C GLY A 378 -25.57 -21.38 4.85
N LEU A 379 -24.53 -20.73 5.37
CA LEU A 379 -23.20 -21.32 5.46
C LEU A 379 -22.96 -22.06 6.77
N GLU A 380 -23.93 -22.07 7.69
CA GLU A 380 -23.74 -22.75 8.96
C GLU A 380 -23.60 -24.26 8.75
N GLY A 381 -22.65 -24.85 9.47
CA GLY A 381 -22.37 -26.27 9.34
C GLY A 381 -21.38 -26.64 8.27
N SER A 382 -20.90 -25.68 7.48
CA SER A 382 -19.93 -25.95 6.43
C SER A 382 -18.64 -25.15 6.61
N TYR A 383 -18.45 -24.53 7.78
CA TYR A 383 -17.28 -23.68 7.99
C TYR A 383 -16.02 -24.52 8.15
N VAL A 384 -14.94 -24.06 7.54
CA VAL A 384 -13.61 -24.65 7.69
C VAL A 384 -12.69 -23.60 8.30
N PRO A 385 -12.40 -23.69 9.60
CA PRO A 385 -11.59 -22.66 10.28
C PRO A 385 -10.09 -22.88 10.11
N HIS A 386 -9.63 -22.86 8.86
CA HIS A 386 -8.22 -23.05 8.56
C HIS A 386 -7.84 -22.17 7.37
N THR A 387 -6.59 -21.73 7.37
CA THR A 387 -6.05 -21.01 6.22
C THR A 387 -5.79 -21.98 5.06
N TYR A 388 -5.69 -21.43 3.86
CA TYR A 388 -5.47 -22.26 2.68
C TYR A 388 -4.16 -23.03 2.78
N ILE A 389 -3.09 -22.37 3.25
CA ILE A 389 -1.82 -23.06 3.43
C ILE A 389 -1.95 -24.15 4.48
N GLU A 390 -2.78 -23.94 5.50
CA GLU A 390 -3.01 -24.96 6.50
C GLU A 390 -3.79 -26.14 5.93
N GLN A 391 -4.69 -25.89 4.98
CA GLN A 391 -5.49 -26.97 4.41
C GLN A 391 -4.64 -27.97 3.64
N ILE A 392 -3.70 -27.49 2.83
CA ILE A 392 -2.81 -28.39 2.10
C ILE A 392 -1.92 -29.15 3.08
N GLN A 393 -1.49 -28.48 4.15
CA GLN A 393 -0.73 -29.15 5.20
C GLN A 393 -1.56 -30.26 5.84
N LEU A 394 -2.83 -29.99 6.12
CA LEU A 394 -3.70 -31.02 6.69
C LEU A 394 -3.95 -32.15 5.69
N GLU A 395 -4.11 -31.82 4.41
CA GLU A 395 -4.37 -32.82 3.38
C GLU A 395 -3.06 -33.21 2.71
N ARG A 396 -2.21 -33.88 3.48
CA ARG A 396 -0.95 -34.39 2.97
C ARG A 396 -1.13 -35.79 2.40
C1 CIT B . -7.03 -13.25 1.89
O1 CIT B . -5.92 -12.69 1.70
O2 CIT B . -7.99 -12.97 1.13
C2 CIT B . -7.18 -14.23 3.03
C3 CIT B . -6.73 -15.62 2.62
O7 CIT B . -5.35 -15.78 3.06
C4 CIT B . -7.59 -16.71 3.26
C5 CIT B . -6.73 -17.91 3.59
O3 CIT B . -7.27 -18.99 3.92
O4 CIT B . -5.49 -17.85 3.51
C6 CIT B . -6.80 -15.79 1.11
O5 CIT B . -5.85 -15.43 0.38
O6 CIT B . -7.81 -16.30 0.59
C1 EDO C . -24.98 -7.59 8.11
O1 EDO C . -25.42 -8.85 7.61
C2 EDO C . -25.48 -7.39 9.53
O2 EDO C . -24.75 -8.25 10.43
P PO4 D . 2.17 3.52 1.08
O1 PO4 D . 1.15 3.78 2.16
O2 PO4 D . 2.33 2.03 0.89
O3 PO4 D . 3.49 4.13 1.47
O4 PO4 D . 1.71 4.14 -0.22
#